data_8XQ1
#
_entry.id   8XQ1
#
_cell.length_a   39.632
_cell.length_b   85.152
_cell.length_c   89.506
_cell.angle_alpha   90.000
_cell.angle_beta   90.016
_cell.angle_gamma   90.000
#
_symmetry.space_group_name_H-M   'P 1 21 1'
#
loop_
_entity.id
_entity.type
_entity.pdbx_description
1 polymer 'Tyrosine-protein kinase SYK'
2 non-polymer cyclopropyl-[5-[[4-[4-[[(3~{R},4~{S})-3-methoxy-4-oxidanyl-pyrrolidin-1-yl]methyl]-3-methyl-pyrazol-1-yl]pyrimidin-2-yl]amino]-1-methyl-pyrrolo[2,3-b]pyridin-3-yl]methanone
3 water water
#
_entity_poly.entity_id   1
_entity_poly.type   'polypeptide(L)'
_entity_poly.pdbx_seq_one_letter_code
;EEIRPKEVYLDRKLLTLEDKELGSGNFGTVKKGYYQMKKVVKTVAVKILKNEANDPALKDELLAEANVMQQLDNPYIVRM
IGICEAESWMLVMEMAELGPLNKYLQQNRHVKDKNIIELVHQVSMGMKYLEESNFVHRDLAARNVLLVTQHYAKISDFGL
SKALRADENYYKAQTHGKWPVKWYAPECINYYKFSSKSDVWSFGVLMWEAFSYGQKPYRGMKGSEVTAMLEKGERMGCPA
GCPREMYDLMNLCWTYDVENRPGFAAVELRLRNYYYDVVNLEHHHHHHHH
;
_entity_poly.pdbx_strand_id   A,B
#
loop_
_chem_comp.id
_chem_comp.type
_chem_comp.name
_chem_comp.formula
A1LV6 non-polymer cyclopropyl-[5-[[4-[4-[[(3~{R},4~{S})-3-methoxy-4-oxidanyl-pyrrolidin-1-yl]methyl]-3-methyl-pyrazol-1-yl]pyrimidin-2-yl]amino]-1-methyl-pyrrolo[2,3-b]pyridin-3-yl]methanone 'C26 H30 N8 O3'
#
# COMPACT_ATOMS: atom_id res chain seq x y z
N TYR A 9 -18.61 1.99 18.26
CA TYR A 9 -17.72 1.57 19.34
C TYR A 9 -18.46 1.04 20.56
N LEU A 10 -18.07 -0.15 21.02
CA LEU A 10 -18.72 -0.81 22.14
C LEU A 10 -18.06 -0.45 23.46
N ASP A 11 -18.79 -0.72 24.54
CA ASP A 11 -18.39 -0.42 25.92
C ASP A 11 -17.66 -1.64 26.49
N ARG A 12 -16.36 -1.51 26.77
CA ARG A 12 -15.59 -2.67 27.22
C ARG A 12 -16.17 -3.27 28.49
N LYS A 13 -16.85 -2.46 29.31
CA LYS A 13 -17.36 -3.01 30.55
C LYS A 13 -18.63 -3.82 30.34
N LEU A 14 -19.24 -3.76 29.15
CA LEU A 14 -20.36 -4.64 28.82
C LEU A 14 -19.91 -5.91 28.12
N LEU A 15 -18.63 -6.02 27.86
CA LEU A 15 -18.03 -7.19 27.21
C LEU A 15 -17.32 -8.07 28.25
N THR A 16 -17.64 -9.35 28.25
CA THR A 16 -16.95 -10.34 29.06
C THR A 16 -16.29 -11.35 28.13
N LEU A 17 -14.97 -11.48 28.18
CA LEU A 17 -14.25 -12.48 27.39
C LEU A 17 -13.96 -13.74 28.17
N GLU A 18 -14.07 -14.89 27.50
CA GLU A 18 -13.60 -16.13 28.08
C GLU A 18 -12.08 -16.23 27.94
N ASP A 19 -11.44 -16.93 28.87
CA ASP A 19 -9.97 -16.96 28.87
C ASP A 19 -9.42 -17.80 27.74
N LYS A 20 -10.04 -18.94 27.48
CA LYS A 20 -9.48 -19.89 26.53
C LYS A 20 -9.87 -19.48 25.11
N GLU A 21 -8.90 -19.44 24.21
CA GLU A 21 -9.19 -19.08 22.83
C GLU A 21 -9.95 -20.18 22.10
N LEU A 22 -10.85 -19.77 21.18
CA LEU A 22 -11.45 -20.73 20.26
C LEU A 22 -10.48 -21.13 19.16
N GLY A 23 -9.64 -20.19 18.75
CA GLY A 23 -8.70 -20.36 17.66
C GLY A 23 -7.71 -19.21 17.57
N SER A 24 -6.74 -19.42 16.68
CA SER A 24 -5.63 -18.49 16.55
C SER A 24 -5.22 -18.51 15.09
N GLY A 25 -4.57 -17.43 14.68
CA GLY A 25 -3.94 -17.37 13.39
C GLY A 25 -3.02 -16.18 13.36
N ASN A 26 -2.43 -15.92 12.19
CA ASN A 26 -1.67 -14.68 12.04
C ASN A 26 -2.57 -13.48 12.23
N PHE A 27 -3.88 -13.67 12.13
CA PHE A 27 -4.83 -12.58 12.33
C PHE A 27 -4.93 -12.13 13.78
N GLY A 28 -4.36 -12.90 14.73
CA GLY A 28 -4.59 -12.73 16.17
C GLY A 28 -5.31 -13.94 16.75
N THR A 29 -6.33 -13.73 17.60
CA THR A 29 -7.05 -14.85 18.17
C THR A 29 -8.54 -14.61 18.02
N VAL A 30 -9.31 -15.68 18.19
CA VAL A 30 -10.77 -15.61 18.29
C VAL A 30 -11.12 -16.15 19.66
N LYS A 31 -11.95 -15.39 20.38
CA LYS A 31 -12.41 -15.78 21.71
C LYS A 31 -13.92 -15.68 21.77
N LYS A 32 -14.49 -16.53 22.62
CA LYS A 32 -15.91 -16.42 22.96
C LYS A 32 -16.08 -15.34 24.01
N GLY A 33 -17.21 -14.64 23.94
CA GLY A 33 -17.52 -13.73 25.03
C GLY A 33 -19.02 -13.48 25.11
N TYR A 34 -19.36 -12.47 25.92
CA TYR A 34 -20.73 -12.04 26.12
C TYR A 34 -20.78 -10.54 26.04
N TYR A 35 -21.83 -10.04 25.41
CA TYR A 35 -22.08 -8.60 25.36
C TYR A 35 -23.42 -8.33 26.03
N GLN A 36 -23.40 -7.47 27.03
CA GLN A 36 -24.63 -7.17 27.77
C GLN A 36 -25.49 -6.19 26.98
N MET A 37 -26.65 -6.64 26.49
CA MET A 37 -27.64 -5.76 25.91
C MET A 37 -28.49 -5.11 27.02
N LYS A 38 -29.61 -4.52 26.63
CA LYS A 38 -30.42 -3.81 27.61
C LYS A 38 -30.94 -4.77 28.69
N LYS A 39 -31.37 -5.97 28.28
CA LYS A 39 -31.76 -6.99 29.25
C LYS A 39 -31.00 -8.29 28.97
N VAL A 40 -31.11 -8.78 27.75
CA VAL A 40 -30.52 -10.08 27.42
C VAL A 40 -29.02 -9.91 27.27
N VAL A 41 -28.30 -11.00 27.48
CA VAL A 41 -26.91 -11.05 27.08
C VAL A 41 -26.84 -11.75 25.73
N LYS A 42 -25.91 -11.31 24.90
CA LYS A 42 -25.66 -11.92 23.60
C LYS A 42 -24.32 -12.62 23.60
N THR A 43 -24.31 -13.89 23.20
CA THR A 43 -23.07 -14.62 23.04
C THR A 43 -22.38 -14.12 21.78
N VAL A 44 -21.09 -13.80 21.89
CA VAL A 44 -20.35 -13.23 20.77
C VAL A 44 -19.06 -13.98 20.53
N ALA A 45 -18.60 -13.85 19.28
CA ALA A 45 -17.28 -14.30 18.89
C ALA A 45 -16.47 -13.05 18.66
N VAL A 46 -15.25 -13.03 19.15
CA VAL A 46 -14.49 -11.78 19.17
C VAL A 46 -13.14 -12.03 18.50
N LYS A 47 -12.87 -11.29 17.41
CA LYS A 47 -11.56 -11.34 16.78
C LYS A 47 -10.66 -10.31 17.46
N ILE A 48 -9.56 -10.76 18.02
CA ILE A 48 -8.67 -9.93 18.83
C ILE A 48 -7.33 -9.83 18.10
N LEU A 49 -6.94 -8.61 17.77
CA LEU A 49 -5.65 -8.45 17.08
C LEU A 49 -4.46 -8.71 18.00
N LYS A 50 -3.39 -9.27 17.43
CA LYS A 50 -2.15 -9.39 18.18
C LYS A 50 -1.21 -8.31 17.69
N PRO A 56 0.19 -1.25 12.86
CA PRO A 56 -0.30 -0.19 11.96
C PRO A 56 -1.30 -0.74 10.92
N ALA A 57 -0.80 -1.68 10.11
CA ALA A 57 -1.60 -2.22 9.01
C ALA A 57 -2.74 -3.08 9.52
N LEU A 58 -2.49 -3.90 10.56
CA LEU A 58 -3.52 -4.79 11.09
C LEU A 58 -4.70 -4.01 11.65
N LYS A 59 -4.43 -2.89 12.34
CA LYS A 59 -5.53 -2.08 12.84
C LYS A 59 -6.36 -1.52 11.70
N ASP A 60 -5.72 -0.96 10.69
CA ASP A 60 -6.47 -0.39 9.57
C ASP A 60 -7.34 -1.45 8.91
N GLU A 61 -6.79 -2.67 8.76
CA GLU A 61 -7.50 -3.78 8.14
C GLU A 61 -8.70 -4.20 8.97
N LEU A 62 -8.56 -4.21 10.31
CA LEU A 62 -9.72 -4.59 11.13
C LEU A 62 -10.81 -3.54 11.04
N LEU A 63 -10.44 -2.23 11.04
CA LEU A 63 -11.43 -1.19 10.90
C LEU A 63 -12.15 -1.27 9.56
N ALA A 64 -11.42 -1.61 8.49
CA ALA A 64 -12.06 -1.72 7.17
C ALA A 64 -12.98 -2.92 7.12
N GLU A 65 -12.55 -4.04 7.73
CA GLU A 65 -13.40 -5.23 7.86
C GLU A 65 -14.67 -4.90 8.59
N ALA A 66 -14.57 -4.17 9.70
CA ALA A 66 -15.79 -3.83 10.42
C ALA A 66 -16.67 -2.89 9.61
N ASN A 67 -16.06 -1.95 8.89
CA ASN A 67 -16.84 -1.05 8.06
C ASN A 67 -17.63 -1.81 6.98
N VAL A 68 -17.01 -2.82 6.33
CA VAL A 68 -17.79 -3.67 5.43
C VAL A 68 -18.95 -4.33 6.16
N MET A 69 -18.68 -5.00 7.27
CA MET A 69 -19.74 -5.80 7.91
C MET A 69 -20.90 -4.94 8.39
N GLN A 70 -20.61 -3.72 8.84
CA GLN A 70 -21.65 -2.80 9.31
C GLN A 70 -22.66 -2.45 8.22
N GLN A 71 -22.27 -2.55 6.96
CA GLN A 71 -23.16 -2.21 5.85
C GLN A 71 -23.99 -3.38 5.36
N LEU A 72 -23.76 -4.57 5.89
CA LEU A 72 -24.39 -5.78 5.39
C LEU A 72 -25.48 -6.23 6.35
N ASP A 73 -26.60 -6.65 5.80
CA ASP A 73 -27.79 -6.99 6.56
C ASP A 73 -28.46 -8.13 5.82
N ASN A 74 -28.11 -9.37 6.21
CA ASN A 74 -28.66 -10.52 5.51
C ASN A 74 -28.58 -11.72 6.43
N PRO A 75 -29.54 -12.65 6.39
CA PRO A 75 -29.53 -13.78 7.33
C PRO A 75 -28.37 -14.72 7.13
N TYR A 76 -27.73 -14.67 5.97
CA TYR A 76 -26.67 -15.65 5.67
C TYR A 76 -25.29 -15.01 5.71
N ILE A 77 -25.18 -13.87 6.39
CA ILE A 77 -23.92 -13.19 6.61
C ILE A 77 -23.77 -12.95 8.11
N VAL A 78 -22.55 -13.19 8.62
CA VAL A 78 -22.32 -12.93 10.06
C VAL A 78 -22.56 -11.46 10.41
N ARG A 79 -23.30 -11.20 11.50
CA ARG A 79 -23.62 -9.85 11.94
C ARG A 79 -22.52 -9.36 12.89
N MET A 80 -22.03 -8.16 12.64
CA MET A 80 -21.11 -7.52 13.56
C MET A 80 -21.90 -6.78 14.65
N ILE A 81 -21.45 -6.88 15.90
CA ILE A 81 -22.02 -6.02 16.95
C ILE A 81 -21.29 -4.69 17.04
N GLY A 82 -19.95 -4.72 17.03
CA GLY A 82 -19.21 -3.48 16.92
C GLY A 82 -17.73 -3.75 17.09
N ILE A 83 -16.98 -2.67 17.22
CA ILE A 83 -15.58 -2.74 17.55
C ILE A 83 -15.35 -2.21 18.95
N CYS A 84 -14.30 -2.70 19.58
CA CYS A 84 -13.95 -2.29 20.94
C CYS A 84 -12.46 -2.07 20.95
N GLU A 85 -12.03 -0.91 21.43
CA GLU A 85 -10.63 -0.54 21.50
C GLU A 85 -10.26 -0.61 22.96
N ALA A 86 -9.60 -1.69 23.33
CA ALA A 86 -9.24 -1.83 24.73
C ALA A 86 -7.83 -2.39 24.83
N GLU A 87 -7.66 -3.44 25.61
CA GLU A 87 -6.32 -3.97 25.80
C GLU A 87 -5.70 -4.32 24.46
N SER A 88 -6.51 -4.85 23.52
CA SER A 88 -6.16 -4.88 22.09
C SER A 88 -7.37 -4.41 21.31
N TRP A 89 -7.23 -4.27 19.99
CA TRP A 89 -8.36 -3.99 19.08
C TRP A 89 -9.20 -5.24 18.86
N MET A 90 -10.53 -5.08 18.92
CA MET A 90 -11.44 -6.22 18.91
C MET A 90 -12.61 -5.98 17.98
N LEU A 91 -12.95 -7.00 17.20
CA LEU A 91 -14.14 -7.00 16.36
C LEU A 91 -15.08 -8.02 16.99
N VAL A 92 -16.22 -7.53 17.47
CA VAL A 92 -17.22 -8.34 18.20
C VAL A 92 -18.35 -8.69 17.24
N MET A 93 -18.62 -10.00 17.10
CA MET A 93 -19.60 -10.51 16.14
C MET A 93 -20.59 -11.44 16.86
N GLU A 94 -21.80 -11.58 16.28
CA GLU A 94 -22.70 -12.65 16.75
C GLU A 94 -22.00 -14.01 16.65
N MET A 95 -22.14 -14.87 17.66
CA MET A 95 -21.46 -16.19 17.66
C MET A 95 -22.20 -17.21 16.79
N ALA A 96 -21.47 -17.81 15.86
CA ALA A 96 -21.92 -19.01 15.14
C ALA A 96 -21.29 -20.21 15.87
N GLU A 97 -22.10 -20.92 16.67
CA GLU A 97 -21.54 -21.82 17.67
C GLU A 97 -20.86 -23.05 17.10
N LEU A 98 -21.18 -23.46 15.88
CA LEU A 98 -20.56 -24.70 15.41
C LEU A 98 -19.29 -24.48 14.63
N GLY A 99 -18.93 -23.23 14.37
CA GLY A 99 -17.59 -22.93 13.88
C GLY A 99 -17.50 -23.13 12.36
N PRO A 100 -16.29 -23.12 11.87
CA PRO A 100 -16.04 -23.21 10.41
C PRO A 100 -16.55 -24.50 9.78
N LEU A 101 -17.14 -24.33 8.60
CA LEU A 101 -17.76 -25.42 7.86
C LEU A 101 -16.78 -26.53 7.51
N ASN A 102 -15.57 -26.19 7.05
CA ASN A 102 -14.67 -27.28 6.65
C ASN A 102 -14.33 -28.19 7.83
N LYS A 103 -14.02 -27.60 8.98
CA LYS A 103 -13.72 -28.38 10.18
C LYS A 103 -14.93 -29.17 10.64
N TYR A 104 -16.12 -28.56 10.62
CA TYR A 104 -17.31 -29.29 11.03
C TYR A 104 -17.52 -30.52 10.17
N LEU A 105 -17.35 -30.40 8.85
CA LEU A 105 -17.60 -31.55 7.98
C LEU A 105 -16.50 -32.59 8.14
N GLN A 106 -15.27 -32.16 8.41
CA GLN A 106 -14.21 -33.13 8.70
C GLN A 106 -14.55 -34.00 9.89
N GLN A 107 -15.19 -33.40 10.89
CA GLN A 107 -15.54 -34.05 12.15
C GLN A 107 -16.89 -34.76 12.10
N ASN A 108 -17.66 -34.58 11.03
CA ASN A 108 -19.05 -35.07 10.91
C ASN A 108 -19.23 -35.57 9.48
N ARG A 109 -18.53 -36.68 9.21
CA ARG A 109 -18.43 -37.24 7.87
C ARG A 109 -19.71 -37.88 7.36
N HIS A 110 -20.73 -38.03 8.21
CA HIS A 110 -21.98 -38.64 7.80
C HIS A 110 -23.11 -37.62 7.64
N VAL A 111 -22.80 -36.31 7.61
CA VAL A 111 -23.78 -35.32 7.22
C VAL A 111 -24.28 -35.71 5.84
N LYS A 112 -25.60 -35.60 5.63
CA LYS A 112 -26.18 -36.12 4.42
C LYS A 112 -25.97 -35.17 3.24
N ASP A 113 -25.97 -35.76 2.04
CA ASP A 113 -25.84 -34.92 0.84
C ASP A 113 -26.90 -33.81 0.78
N LYS A 114 -28.15 -34.11 1.12
CA LYS A 114 -29.17 -33.08 1.08
C LYS A 114 -28.82 -31.92 2.01
N ASN A 115 -28.22 -32.23 3.17
CA ASN A 115 -27.81 -31.21 4.14
C ASN A 115 -26.68 -30.34 3.56
N ILE A 116 -25.78 -30.96 2.81
CA ILE A 116 -24.71 -30.16 2.18
C ILE A 116 -25.30 -29.25 1.14
N ILE A 117 -26.26 -29.76 0.33
CA ILE A 117 -26.92 -28.88 -0.63
C ILE A 117 -27.59 -27.72 0.07
N GLU A 118 -28.30 -28.00 1.17
CA GLU A 118 -28.95 -26.92 1.95
C GLU A 118 -27.96 -25.82 2.35
N LEU A 119 -26.82 -26.22 2.87
CA LEU A 119 -25.85 -25.25 3.38
C LEU A 119 -25.21 -24.47 2.23
N VAL A 120 -24.84 -25.15 1.12
CA VAL A 120 -24.21 -24.37 0.06
C VAL A 120 -25.23 -23.45 -0.61
N HIS A 121 -26.51 -23.85 -0.65
CA HIS A 121 -27.53 -22.96 -1.15
C HIS A 121 -27.64 -21.72 -0.27
N GLN A 122 -27.62 -21.89 1.04
CA GLN A 122 -27.59 -20.74 1.96
C GLN A 122 -26.43 -19.81 1.64
N VAL A 123 -25.24 -20.37 1.43
CA VAL A 123 -24.10 -19.51 1.06
C VAL A 123 -24.38 -18.76 -0.24
N SER A 124 -25.01 -19.41 -1.22
CA SER A 124 -25.33 -18.75 -2.47
C SER A 124 -26.39 -17.65 -2.29
N MET A 125 -27.28 -17.78 -1.29
CA MET A 125 -28.19 -16.67 -0.98
C MET A 125 -27.44 -15.49 -0.37
N GLY A 126 -26.51 -15.76 0.56
CA GLY A 126 -25.75 -14.64 1.11
C GLY A 126 -24.91 -13.96 0.03
N MET A 127 -24.35 -14.75 -0.90
CA MET A 127 -23.56 -14.17 -1.97
C MET A 127 -24.39 -13.44 -3.01
N LYS A 128 -25.62 -13.90 -3.28
CA LYS A 128 -26.51 -13.14 -4.16
C LYS A 128 -26.78 -11.76 -3.57
N TYR A 129 -27.00 -11.71 -2.26
CA TYR A 129 -27.12 -10.42 -1.58
C TYR A 129 -25.84 -9.59 -1.67
N LEU A 130 -24.68 -10.20 -1.41
CA LEU A 130 -23.45 -9.43 -1.50
C LEU A 130 -23.27 -8.85 -2.90
N GLU A 131 -23.56 -9.65 -3.95
CA GLU A 131 -23.48 -9.19 -5.32
C GLU A 131 -24.43 -8.02 -5.59
N GLU A 132 -25.68 -8.13 -5.12
CA GLU A 132 -26.64 -7.04 -5.30
C GLU A 132 -26.15 -5.79 -4.59
N SER A 133 -25.41 -5.94 -3.48
CA SER A 133 -24.89 -4.83 -2.68
C SER A 133 -23.58 -4.28 -3.22
N ASN A 134 -23.06 -4.85 -4.30
CA ASN A 134 -21.84 -4.41 -4.97
C ASN A 134 -20.63 -4.46 -4.03
N PHE A 135 -20.52 -5.56 -3.25
CA PHE A 135 -19.31 -5.88 -2.52
C PHE A 135 -18.72 -7.14 -3.12
N VAL A 136 -17.41 -7.22 -3.17
CA VAL A 136 -16.72 -8.46 -3.52
C VAL A 136 -16.10 -9.02 -2.25
N HIS A 137 -16.24 -10.33 -2.06
CA HIS A 137 -15.78 -10.92 -0.80
C HIS A 137 -14.29 -11.16 -0.82
N ARG A 138 -13.79 -11.78 -1.88
CA ARG A 138 -12.39 -12.02 -2.14
C ARG A 138 -11.72 -13.03 -1.22
N ASP A 139 -12.45 -13.74 -0.40
CA ASP A 139 -11.86 -14.88 0.33
C ASP A 139 -12.94 -15.92 0.59
N LEU A 140 -13.73 -16.27 -0.43
CA LEU A 140 -14.88 -17.17 -0.26
C LEU A 140 -14.43 -18.62 -0.32
N ALA A 141 -14.33 -19.23 0.83
CA ALA A 141 -13.76 -20.56 1.02
C ALA A 141 -14.51 -21.21 2.15
N ALA A 142 -14.51 -22.55 2.20
CA ALA A 142 -15.31 -23.20 3.22
C ALA A 142 -14.88 -22.86 4.64
N ARG A 143 -13.60 -22.51 4.87
CA ARG A 143 -13.19 -22.10 6.21
C ARG A 143 -13.85 -20.81 6.64
N ASN A 144 -14.36 -20.04 5.69
CA ASN A 144 -14.98 -18.74 5.95
C ASN A 144 -16.48 -18.83 5.90
N VAL A 145 -17.03 -20.02 5.96
CA VAL A 145 -18.47 -20.22 6.19
C VAL A 145 -18.59 -20.78 7.60
N LEU A 146 -19.44 -20.19 8.42
CA LEU A 146 -19.55 -20.55 9.82
C LEU A 146 -20.94 -21.12 10.07
N LEU A 147 -21.05 -22.16 10.88
CA LEU A 147 -22.36 -22.77 11.11
C LEU A 147 -23.01 -22.26 12.40
N VAL A 148 -24.25 -21.79 12.26
CA VAL A 148 -25.09 -21.46 13.42
C VAL A 148 -25.70 -22.73 13.97
N THR A 149 -26.21 -23.57 13.09
CA THR A 149 -26.65 -24.92 13.42
C THR A 149 -26.19 -25.82 12.27
N GLN A 150 -26.48 -27.11 12.37
CA GLN A 150 -26.13 -28.00 11.27
C GLN A 150 -26.92 -27.68 9.99
N HIS A 151 -27.95 -26.86 10.07
CA HIS A 151 -28.81 -26.49 8.96
C HIS A 151 -28.87 -24.99 8.70
N TYR A 152 -27.84 -24.23 9.15
CA TYR A 152 -27.85 -22.79 8.98
C TYR A 152 -26.41 -22.31 8.91
N ALA A 153 -25.97 -21.92 7.71
CA ALA A 153 -24.65 -21.38 7.41
C ALA A 153 -24.70 -19.87 7.21
N LYS A 154 -23.59 -19.21 7.61
CA LYS A 154 -23.37 -17.77 7.43
C LYS A 154 -21.98 -17.56 6.89
N ILE A 155 -21.84 -16.57 6.05
CA ILE A 155 -20.54 -16.18 5.51
C ILE A 155 -19.83 -15.22 6.46
N SER A 156 -18.54 -15.46 6.67
CA SER A 156 -17.76 -14.66 7.58
C SER A 156 -16.56 -14.12 6.82
N ASP A 157 -15.67 -13.46 7.57
CA ASP A 157 -14.30 -13.18 7.13
C ASP A 157 -14.22 -12.21 5.95
N PHE A 158 -14.52 -10.95 6.28
CA PHE A 158 -14.60 -9.86 5.32
C PHE A 158 -13.29 -9.04 5.28
N GLY A 159 -12.19 -9.61 5.76
CA GLY A 159 -10.95 -8.86 5.80
C GLY A 159 -10.35 -8.49 4.45
N LEU A 160 -10.63 -9.24 3.39
CA LEU A 160 -10.20 -8.86 2.03
C LEU A 160 -11.31 -8.21 1.18
N SER A 161 -12.49 -8.03 1.74
CA SER A 161 -13.63 -7.62 0.95
C SER A 161 -13.52 -6.14 0.58
N LYS A 162 -14.12 -5.82 -0.56
CA LYS A 162 -14.09 -4.43 -1.04
C LYS A 162 -15.48 -3.98 -1.45
N ALA A 163 -15.78 -2.69 -1.19
CA ALA A 163 -16.97 -2.08 -1.77
C ALA A 163 -16.64 -1.59 -3.17
N LEU A 164 -17.36 -2.05 -4.17
CA LEU A 164 -16.99 -1.65 -5.51
C LEU A 164 -17.28 -0.17 -5.72
N ARG A 165 -16.43 0.49 -6.50
CA ARG A 165 -16.72 1.87 -6.96
C ARG A 165 -18.01 1.93 -7.75
N ALA A 166 -18.66 3.11 -7.70
CA ALA A 166 -19.95 3.23 -8.35
C ALA A 166 -19.84 3.09 -9.86
N ASP A 167 -18.66 3.34 -10.43
CA ASP A 167 -18.48 3.34 -11.88
C ASP A 167 -17.77 2.08 -12.38
N GLU A 168 -17.54 1.09 -11.52
CA GLU A 168 -16.76 -0.08 -11.93
C GLU A 168 -17.40 -1.34 -11.40
N ASN A 169 -17.25 -2.43 -12.15
CA ASN A 169 -17.84 -3.65 -11.64
C ASN A 169 -16.77 -4.60 -11.14
N TYR A 170 -15.56 -4.12 -10.95
CA TYR A 170 -14.52 -4.91 -10.32
C TYR A 170 -13.65 -4.02 -9.47
N TYR A 171 -12.92 -4.66 -8.56
CA TYR A 171 -11.86 -4.07 -7.77
C TYR A 171 -10.52 -4.48 -8.39
N LYS A 172 -9.63 -3.51 -8.63
CA LYS A 172 -8.30 -3.77 -9.16
C LYS A 172 -7.30 -3.73 -8.02
N ALA A 173 -6.63 -4.83 -7.77
CA ALA A 173 -5.62 -4.87 -6.73
C ALA A 173 -4.31 -4.32 -7.25
N GLN A 174 -3.49 -3.82 -6.32
CA GLN A 174 -2.14 -3.38 -6.64
C GLN A 174 -1.14 -4.09 -5.74
N LYS A 178 -0.20 -12.14 0.84
CA LYS A 178 -0.45 -13.52 0.44
C LYS A 178 -1.92 -13.67 0.04
N TRP A 179 -2.17 -14.33 -1.09
CA TRP A 179 -3.52 -14.51 -1.58
C TRP A 179 -3.96 -15.97 -1.48
N PRO A 180 -5.26 -16.23 -1.31
CA PRO A 180 -5.76 -17.63 -1.33
C PRO A 180 -5.93 -18.14 -2.77
N VAL A 181 -4.81 -18.32 -3.46
CA VAL A 181 -4.80 -18.51 -4.91
C VAL A 181 -5.59 -19.74 -5.39
N LYS A 182 -5.65 -20.80 -4.57
CA LYS A 182 -6.45 -21.97 -4.98
C LYS A 182 -7.92 -21.65 -5.06
N TRP A 183 -8.35 -20.50 -4.53
CA TRP A 183 -9.74 -20.13 -4.63
C TRP A 183 -9.99 -19.05 -5.68
N TYR A 184 -8.93 -18.59 -6.33
CA TYR A 184 -9.08 -17.41 -7.19
C TYR A 184 -9.26 -17.76 -8.67
N ALA A 185 -10.07 -16.95 -9.32
CA ALA A 185 -10.36 -17.12 -10.74
C ALA A 185 -9.17 -16.67 -11.59
N PRO A 186 -9.11 -17.08 -12.85
CA PRO A 186 -7.90 -16.75 -13.63
C PRO A 186 -7.73 -15.25 -13.83
N GLU A 187 -8.82 -14.48 -13.93
CA GLU A 187 -8.68 -13.02 -14.10
C GLU A 187 -8.12 -12.37 -12.84
N CYS A 188 -8.35 -12.97 -11.68
CA CYS A 188 -7.74 -12.46 -10.46
C CYS A 188 -6.23 -12.63 -10.54
N ILE A 189 -5.81 -13.81 -10.95
CA ILE A 189 -4.38 -14.13 -11.00
C ILE A 189 -3.68 -13.34 -12.11
N ASN A 190 -4.34 -13.20 -13.28
CA ASN A 190 -3.70 -12.66 -14.47
C ASN A 190 -3.88 -11.17 -14.65
N TYR A 191 -4.92 -10.59 -14.10
CA TYR A 191 -5.19 -9.18 -14.31
C TYR A 191 -5.41 -8.45 -12.99
N TYR A 192 -5.41 -9.16 -11.87
CA TYR A 192 -5.68 -8.57 -10.55
C TYR A 192 -7.06 -7.93 -10.47
N LYS A 193 -8.07 -8.45 -11.17
CA LYS A 193 -9.40 -7.87 -11.24
C LYS A 193 -10.33 -8.79 -10.47
N PHE A 194 -11.03 -8.24 -9.47
CA PHE A 194 -11.92 -9.01 -8.59
C PHE A 194 -13.34 -8.49 -8.72
N SER A 195 -14.25 -9.31 -9.18
CA SER A 195 -15.66 -8.98 -9.37
C SER A 195 -16.51 -9.99 -8.62
N SER A 196 -17.83 -9.78 -8.64
CA SER A 196 -18.70 -10.82 -8.11
C SER A 196 -18.55 -12.12 -8.89
N LYS A 197 -18.34 -12.03 -10.21
CA LYS A 197 -18.03 -13.24 -10.98
C LYS A 197 -16.80 -13.96 -10.45
N SER A 198 -15.76 -13.23 -10.01
CA SER A 198 -14.62 -13.91 -9.42
C SER A 198 -15.03 -14.63 -8.15
N ASP A 199 -15.92 -14.05 -7.34
CA ASP A 199 -16.42 -14.76 -6.18
C ASP A 199 -17.18 -16.01 -6.58
N VAL A 200 -17.90 -15.99 -7.74
CA VAL A 200 -18.55 -17.22 -8.22
C VAL A 200 -17.53 -18.35 -8.43
N TRP A 201 -16.38 -18.05 -9.02
CA TRP A 201 -15.35 -19.10 -9.18
C TRP A 201 -15.01 -19.68 -7.81
N SER A 202 -14.72 -18.78 -6.83
CA SER A 202 -14.38 -19.24 -5.48
C SER A 202 -15.50 -20.08 -4.91
N PHE A 203 -16.74 -19.69 -5.17
CA PHE A 203 -17.88 -20.47 -4.70
C PHE A 203 -17.87 -21.90 -5.28
N GLY A 204 -17.44 -22.07 -6.52
CA GLY A 204 -17.29 -23.43 -7.05
C GLY A 204 -16.28 -24.24 -6.24
N VAL A 205 -15.15 -23.61 -5.86
CA VAL A 205 -14.19 -24.31 -5.05
C VAL A 205 -14.79 -24.63 -3.68
N LEU A 206 -15.52 -23.67 -3.09
CA LEU A 206 -16.22 -23.93 -1.84
C LEU A 206 -17.18 -25.10 -1.96
N MET A 207 -17.96 -25.17 -3.06
CA MET A 207 -18.85 -26.30 -3.24
C MET A 207 -18.05 -27.59 -3.23
N TRP A 208 -16.95 -27.61 -4.01
CA TRP A 208 -16.13 -28.81 -4.04
C TRP A 208 -15.66 -29.19 -2.63
N GLU A 209 -15.23 -28.20 -1.85
CA GLU A 209 -14.78 -28.47 -0.49
C GLU A 209 -15.90 -29.08 0.34
N ALA A 210 -17.10 -28.52 0.25
CA ALA A 210 -18.22 -28.98 1.08
C ALA A 210 -18.62 -30.41 0.72
N PHE A 211 -18.77 -30.70 -0.59
CA PHE A 211 -19.15 -32.05 -1.02
C PHE A 211 -17.99 -33.04 -0.76
N SER A 212 -16.76 -32.54 -0.53
CA SER A 212 -15.63 -33.36 -0.13
C SER A 212 -15.43 -33.41 1.38
N TYR A 213 -16.43 -32.96 2.16
CA TYR A 213 -16.37 -32.98 3.63
C TYR A 213 -15.14 -32.30 4.20
N GLY A 214 -14.83 -31.16 3.60
CA GLY A 214 -13.74 -30.35 4.15
C GLY A 214 -12.34 -30.71 3.72
N GLN A 215 -12.19 -31.51 2.70
CA GLN A 215 -10.86 -31.74 2.15
C GLN A 215 -10.34 -30.45 1.52
N LYS A 216 -9.04 -30.27 1.57
CA LYS A 216 -8.46 -29.11 0.89
C LYS A 216 -8.54 -29.30 -0.63
N PRO A 217 -8.83 -28.26 -1.39
CA PRO A 217 -8.82 -28.39 -2.86
C PRO A 217 -7.38 -28.43 -3.40
N TYR A 218 -7.24 -29.00 -4.60
CA TYR A 218 -5.95 -29.08 -5.32
C TYR A 218 -4.88 -29.66 -4.39
N ARG A 219 -5.21 -30.77 -3.74
CA ARG A 219 -4.30 -31.23 -2.71
C ARG A 219 -2.96 -31.65 -3.30
N GLY A 220 -1.91 -31.33 -2.59
CA GLY A 220 -0.58 -31.69 -3.00
C GLY A 220 0.04 -30.81 -4.04
N MET A 221 -0.65 -29.74 -4.46
CA MET A 221 -0.25 -28.90 -5.57
C MET A 221 0.19 -27.51 -5.12
N LYS A 222 1.23 -27.01 -5.78
CA LYS A 222 1.60 -25.63 -5.58
C LYS A 222 0.68 -24.72 -6.39
N GLY A 223 0.64 -23.46 -5.98
CA GLY A 223 -0.13 -22.48 -6.74
C GLY A 223 0.18 -22.48 -8.22
N SER A 224 1.46 -22.52 -8.60
CA SER A 224 1.79 -22.49 -10.02
C SER A 224 1.29 -23.73 -10.74
N GLU A 225 1.21 -24.86 -10.01
CA GLU A 225 0.70 -26.08 -10.60
C GLU A 225 -0.81 -26.00 -10.78
N VAL A 226 -1.49 -25.29 -9.88
CA VAL A 226 -2.93 -25.06 -10.05
C VAL A 226 -3.19 -24.21 -11.28
N THR A 227 -2.46 -23.08 -11.39
CA THR A 227 -2.59 -22.24 -12.59
C THR A 227 -2.33 -23.04 -13.86
N ALA A 228 -1.30 -23.88 -13.84
CA ALA A 228 -1.00 -24.69 -15.01
C ALA A 228 -2.11 -25.68 -15.32
N MET A 229 -2.67 -26.34 -14.30
CA MET A 229 -3.78 -27.25 -14.51
C MET A 229 -4.98 -26.53 -15.12
N LEU A 230 -5.34 -25.38 -14.56
CA LEU A 230 -6.54 -24.68 -15.03
C LEU A 230 -6.32 -24.17 -16.44
N GLU A 231 -5.07 -23.80 -16.79
CA GLU A 231 -4.82 -23.27 -18.13
C GLU A 231 -4.90 -24.37 -19.19
N LYS A 232 -4.61 -25.63 -18.83
CA LYS A 232 -4.85 -26.81 -19.64
C LYS A 232 -6.33 -27.12 -19.79
N GLY A 233 -7.20 -26.39 -19.11
CA GLY A 233 -8.61 -26.75 -19.16
C GLY A 233 -9.03 -27.82 -18.17
N GLU A 234 -8.15 -28.26 -17.29
CA GLU A 234 -8.46 -29.35 -16.36
C GLU A 234 -9.13 -28.76 -15.12
N ARG A 235 -9.98 -29.55 -14.50
CA ARG A 235 -10.69 -29.16 -13.28
C ARG A 235 -10.71 -30.34 -12.34
N MET A 236 -10.87 -30.04 -11.06
CA MET A 236 -10.96 -31.12 -10.05
C MET A 236 -12.09 -32.07 -10.40
N GLY A 237 -11.87 -33.33 -10.02
CA GLY A 237 -12.89 -34.35 -10.22
C GLY A 237 -14.06 -34.21 -9.27
N CYS A 238 -15.08 -35.01 -9.57
CA CYS A 238 -16.33 -35.00 -8.80
C CYS A 238 -16.13 -35.71 -7.45
N PRO A 239 -16.44 -35.06 -6.32
CA PRO A 239 -16.29 -35.73 -5.01
C PRO A 239 -17.15 -36.97 -4.93
N ALA A 240 -16.68 -37.94 -4.17
CA ALA A 240 -17.51 -39.12 -3.88
C ALA A 240 -18.86 -38.71 -3.34
N GLY A 241 -19.91 -39.27 -3.94
CA GLY A 241 -21.28 -39.06 -3.52
C GLY A 241 -21.89 -37.74 -3.94
N CYS A 242 -21.16 -36.93 -4.71
CA CYS A 242 -21.69 -35.65 -5.14
C CYS A 242 -22.61 -35.85 -6.35
N PRO A 243 -23.84 -35.32 -6.31
CA PRO A 243 -24.73 -35.43 -7.46
C PRO A 243 -24.13 -34.82 -8.71
N ARG A 244 -24.40 -35.46 -9.85
CA ARG A 244 -23.93 -34.92 -11.12
C ARG A 244 -24.36 -33.48 -11.34
N GLU A 245 -25.58 -33.13 -10.93
CA GLU A 245 -26.07 -31.77 -11.13
C GLU A 245 -25.23 -30.76 -10.35
N MET A 246 -24.76 -31.17 -9.18
CA MET A 246 -23.93 -30.28 -8.37
C MET A 246 -22.51 -30.18 -8.91
N TYR A 247 -21.99 -31.27 -9.49
CA TYR A 247 -20.69 -31.17 -10.14
C TYR A 247 -20.79 -30.32 -11.38
N ASP A 248 -21.90 -30.46 -12.12
CA ASP A 248 -22.12 -29.61 -13.28
C ASP A 248 -22.09 -28.14 -12.87
N LEU A 249 -22.74 -27.79 -11.76
CA LEU A 249 -22.77 -26.41 -11.31
C LEU A 249 -21.39 -25.94 -10.88
N MET A 250 -20.61 -26.80 -10.20
CA MET A 250 -19.22 -26.46 -9.87
C MET A 250 -18.48 -26.11 -11.12
N ASN A 251 -18.65 -26.91 -12.17
CA ASN A 251 -17.90 -26.67 -13.39
C ASN A 251 -18.35 -25.41 -14.11
N LEU A 252 -19.63 -25.06 -14.01
CA LEU A 252 -20.09 -23.78 -14.55
C LEU A 252 -19.48 -22.60 -13.78
N CYS A 253 -19.34 -22.74 -12.45
CA CYS A 253 -18.67 -21.69 -11.69
C CYS A 253 -17.24 -21.54 -12.13
N TRP A 254 -16.60 -22.66 -12.56
CA TRP A 254 -15.22 -22.63 -13.05
C TRP A 254 -15.13 -22.37 -14.54
N THR A 255 -16.01 -21.53 -15.05
CA THR A 255 -15.91 -21.06 -16.43
C THR A 255 -14.75 -20.09 -16.53
N TYR A 256 -13.81 -20.36 -17.44
CA TYR A 256 -12.57 -19.59 -17.50
C TYR A 256 -12.83 -18.12 -17.83
N ASP A 257 -13.59 -17.86 -18.88
CA ASP A 257 -13.85 -16.47 -19.31
C ASP A 257 -14.91 -15.83 -18.41
N VAL A 258 -14.50 -14.77 -17.70
CA VAL A 258 -15.40 -14.15 -16.72
C VAL A 258 -16.71 -13.70 -17.36
N GLU A 259 -16.64 -13.20 -18.61
CA GLU A 259 -17.90 -12.75 -19.21
C GLU A 259 -18.90 -13.88 -19.45
N ASN A 260 -18.45 -15.13 -19.55
CA ASN A 260 -19.34 -16.25 -19.76
C ASN A 260 -19.66 -17.02 -18.49
N ARG A 261 -19.13 -16.60 -17.39
CA ARG A 261 -19.40 -17.27 -16.12
C ARG A 261 -20.70 -16.74 -15.52
N PRO A 262 -21.51 -17.55 -14.87
CA PRO A 262 -22.76 -17.01 -14.31
C PRO A 262 -22.50 -16.11 -13.10
N GLY A 263 -23.45 -15.19 -12.84
CA GLY A 263 -23.50 -14.47 -11.58
C GLY A 263 -24.26 -15.26 -10.51
N PHE A 264 -24.28 -14.71 -9.28
CA PHE A 264 -24.89 -15.42 -8.18
C PHE A 264 -26.40 -15.55 -8.29
N ALA A 265 -27.09 -14.64 -9.01
CA ALA A 265 -28.52 -14.86 -9.19
C ALA A 265 -28.79 -16.18 -9.91
N ALA A 266 -28.05 -16.44 -11.01
CA ALA A 266 -28.20 -17.70 -11.72
C ALA A 266 -27.75 -18.89 -10.88
N VAL A 267 -26.66 -18.74 -10.11
CA VAL A 267 -26.16 -19.86 -9.31
C VAL A 267 -27.14 -20.20 -8.19
N GLU A 268 -27.64 -19.18 -7.48
CA GLU A 268 -28.58 -19.42 -6.40
C GLU A 268 -29.84 -20.10 -6.91
N LEU A 269 -30.32 -19.68 -8.08
CA LEU A 269 -31.54 -20.28 -8.62
C LEU A 269 -31.33 -21.74 -8.96
N ARG A 270 -30.18 -22.07 -9.55
CA ARG A 270 -29.94 -23.47 -9.85
C ARG A 270 -29.89 -24.30 -8.58
N LEU A 271 -29.22 -23.80 -7.54
CA LEU A 271 -29.14 -24.52 -6.28
C LEU A 271 -30.51 -24.62 -5.61
N ARG A 272 -31.31 -23.55 -5.71
CA ARG A 272 -32.62 -23.52 -5.07
C ARG A 272 -33.49 -24.59 -5.69
N ASN A 273 -33.50 -24.63 -7.02
CA ASN A 273 -34.34 -25.59 -7.72
C ASN A 273 -33.89 -27.01 -7.43
N TYR A 274 -32.58 -27.26 -7.41
CA TYR A 274 -32.12 -28.62 -7.14
C TYR A 274 -32.44 -29.04 -5.72
N TYR A 275 -32.23 -28.15 -4.76
CA TYR A 275 -32.54 -28.47 -3.39
C TYR A 275 -34.01 -28.84 -3.23
N TYR A 276 -34.91 -28.07 -3.85
CA TYR A 276 -36.32 -28.40 -3.60
C TYR A 276 -36.73 -29.66 -4.37
N ASP A 277 -35.98 -30.02 -5.43
CA ASP A 277 -36.13 -31.33 -6.06
C ASP A 277 -35.77 -32.46 -5.10
N VAL A 278 -34.65 -32.32 -4.40
CA VAL A 278 -34.20 -33.34 -3.48
C VAL A 278 -35.07 -33.35 -2.23
N VAL A 279 -35.55 -32.18 -1.80
CA VAL A 279 -36.51 -32.10 -0.69
C VAL A 279 -37.79 -32.87 -1.03
N TYR B 9 5.67 31.54 -19.09
CA TYR B 9 5.16 30.71 -20.18
C TYR B 9 6.02 30.78 -21.41
N LEU B 10 6.53 29.62 -21.83
CA LEU B 10 7.48 29.53 -22.92
C LEU B 10 6.77 29.29 -24.24
N ASP B 11 7.49 29.58 -25.31
CA ASP B 11 6.99 29.43 -26.67
C ASP B 11 7.31 28.02 -27.15
N ARG B 12 6.27 27.23 -27.42
CA ARG B 12 6.53 25.85 -27.82
C ARG B 12 7.39 25.76 -29.06
N LYS B 13 7.33 26.77 -29.93
CA LYS B 13 8.09 26.70 -31.18
C LYS B 13 9.57 26.93 -30.94
N LEU B 14 9.94 27.41 -29.75
CA LEU B 14 11.35 27.60 -29.39
C LEU B 14 11.90 26.38 -28.65
N LEU B 15 11.06 25.39 -28.38
CA LEU B 15 11.41 24.18 -27.65
C LEU B 15 11.49 23.00 -28.61
N THR B 16 12.61 22.27 -28.57
CA THR B 16 12.79 21.04 -29.34
C THR B 16 13.00 19.88 -28.39
N LEU B 17 12.07 18.92 -28.37
CA LEU B 17 12.18 17.73 -27.52
C LEU B 17 12.84 16.56 -28.24
N GLU B 18 13.71 15.84 -27.53
CA GLU B 18 14.22 14.59 -28.09
C GLU B 18 13.16 13.50 -27.93
N ASP B 19 13.21 12.50 -28.81
CA ASP B 19 12.13 11.51 -28.77
C ASP B 19 12.28 10.54 -27.60
N LYS B 20 13.49 10.13 -27.28
CA LYS B 20 13.68 9.10 -26.28
C LYS B 20 13.70 9.76 -24.91
N GLU B 21 13.04 9.12 -23.94
CA GLU B 21 12.96 9.73 -22.62
C GLU B 21 14.21 9.42 -21.80
N LEU B 22 14.59 10.37 -20.94
CA LEU B 22 15.64 10.10 -19.97
C LEU B 22 15.15 9.22 -18.86
N GLY B 23 13.88 9.35 -18.50
CA GLY B 23 13.34 8.66 -17.35
C GLY B 23 11.83 8.82 -17.28
N SER B 24 11.25 8.07 -16.36
CA SER B 24 9.82 7.92 -16.31
C SER B 24 9.45 7.75 -14.84
N GLY B 25 8.23 8.16 -14.50
CA GLY B 25 7.71 8.01 -13.16
C GLY B 25 6.21 8.12 -13.21
N ASN B 26 5.59 8.11 -12.02
CA ASN B 26 4.14 8.21 -11.97
C ASN B 26 3.63 9.57 -12.45
N PHE B 27 4.48 10.61 -12.43
CA PHE B 27 4.07 11.93 -12.94
C PHE B 27 3.95 11.94 -14.46
N GLY B 28 4.76 11.14 -15.13
CA GLY B 28 4.97 11.28 -16.55
C GLY B 28 6.43 10.97 -16.80
N THR B 29 7.07 11.82 -17.58
CA THR B 29 8.39 11.50 -18.11
C THR B 29 9.29 12.71 -17.98
N VAL B 30 10.59 12.44 -18.10
CA VAL B 30 11.62 13.47 -18.24
C VAL B 30 12.27 13.28 -19.60
N LYS B 31 12.36 14.36 -20.37
CA LYS B 31 12.99 14.33 -21.68
C LYS B 31 14.06 15.41 -21.76
N LYS B 32 15.07 15.15 -22.57
CA LYS B 32 16.01 16.17 -22.94
C LYS B 32 15.43 17.03 -24.05
N GLY B 33 15.81 18.30 -24.04
CA GLY B 33 15.38 19.18 -25.10
C GLY B 33 16.33 20.35 -25.26
N TYR B 34 15.92 21.28 -26.13
CA TYR B 34 16.65 22.49 -26.40
C TYR B 34 15.69 23.65 -26.39
N TYR B 35 16.09 24.76 -25.82
CA TYR B 35 15.29 25.97 -25.84
C TYR B 35 16.08 27.06 -26.51
N GLN B 36 15.52 27.61 -27.58
CA GLN B 36 16.23 28.66 -28.31
C GLN B 36 16.18 30.00 -27.57
N MET B 37 17.34 30.48 -27.15
CA MET B 37 17.47 31.81 -26.54
C MET B 37 17.66 32.89 -27.62
N LYS B 38 18.10 34.07 -27.18
CA LYS B 38 18.28 35.18 -28.11
C LYS B 38 19.33 34.85 -29.18
N LYS B 39 20.39 34.11 -28.82
CA LYS B 39 21.34 33.61 -29.82
C LYS B 39 21.70 32.15 -29.54
N VAL B 40 22.11 31.88 -28.31
CA VAL B 40 22.51 30.52 -27.97
C VAL B 40 21.28 29.64 -27.83
N VAL B 41 21.51 28.34 -27.92
CA VAL B 41 20.50 27.38 -27.48
C VAL B 41 20.92 26.86 -26.13
N LYS B 42 19.93 26.56 -25.29
CA LYS B 42 20.13 26.01 -23.97
C LYS B 42 19.62 24.59 -23.91
N THR B 43 20.46 23.67 -23.45
CA THR B 43 20.06 22.30 -23.24
C THR B 43 19.19 22.26 -21.99
N VAL B 44 18.03 21.61 -22.10
CA VAL B 44 17.08 21.59 -20.98
C VAL B 44 16.63 20.19 -20.67
N ALA B 45 16.18 20.01 -19.43
CA ALA B 45 15.49 18.80 -19.03
C ALA B 45 14.04 19.22 -18.82
N VAL B 46 13.15 18.37 -19.29
CA VAL B 46 11.74 18.77 -19.36
C VAL B 46 10.91 17.71 -18.65
N LYS B 47 10.21 18.13 -17.58
CA LYS B 47 9.28 17.24 -16.91
C LYS B 47 7.92 17.34 -17.61
N ILE B 48 7.42 16.23 -18.13
CA ILE B 48 6.22 16.21 -18.96
C ILE B 48 5.17 15.41 -18.21
N LEU B 49 4.01 16.03 -17.95
CA LEU B 49 2.94 15.32 -17.26
C LEU B 49 2.25 14.27 -18.13
N LYS B 50 1.75 13.22 -17.47
CA LYS B 50 0.81 12.23 -18.00
C LYS B 50 1.47 11.15 -18.83
N PRO B 56 -6.34 16.61 -13.20
CA PRO B 56 -6.72 17.79 -12.42
C PRO B 56 -5.63 18.19 -11.41
N ALA B 57 -5.28 17.24 -10.55
CA ALA B 57 -4.38 17.51 -9.44
C ALA B 57 -2.92 17.62 -9.89
N LEU B 58 -2.51 16.80 -10.87
CA LEU B 58 -1.14 16.83 -11.36
C LEU B 58 -0.79 18.17 -11.97
N LYS B 59 -1.70 18.74 -12.75
CA LYS B 59 -1.47 20.06 -13.32
C LYS B 59 -1.28 21.10 -12.23
N ASP B 60 -2.16 21.10 -11.23
CA ASP B 60 -2.01 22.07 -10.15
C ASP B 60 -0.67 21.90 -9.45
N GLU B 61 -0.25 20.65 -9.27
CA GLU B 61 0.99 20.37 -8.59
C GLU B 61 2.17 20.84 -9.41
N LEU B 62 2.11 20.69 -10.75
CA LEU B 62 3.21 21.19 -11.57
C LEU B 62 3.31 22.70 -11.51
N LEU B 63 2.15 23.41 -11.59
CA LEU B 63 2.18 24.86 -11.52
C LEU B 63 2.72 25.32 -10.19
N ALA B 64 2.40 24.59 -9.11
CA ALA B 64 2.91 24.99 -7.79
C ALA B 64 4.43 24.76 -7.71
N GLU B 65 4.89 23.63 -8.27
CA GLU B 65 6.31 23.32 -8.34
C GLU B 65 7.06 24.40 -9.10
N ALA B 66 6.51 24.83 -10.24
CA ALA B 66 7.17 25.87 -10.99
C ALA B 66 7.15 27.19 -10.23
N ASN B 67 6.06 27.47 -9.54
CA ASN B 67 6.00 28.71 -8.77
C ASN B 67 7.07 28.75 -7.68
N VAL B 68 7.33 27.63 -6.99
CA VAL B 68 8.45 27.60 -6.05
C VAL B 68 9.77 27.85 -6.76
N MET B 69 10.02 27.12 -7.84
CA MET B 69 11.34 27.23 -8.46
C MET B 69 11.62 28.62 -9.00
N GLN B 70 10.57 29.30 -9.49
CA GLN B 70 10.72 30.64 -10.05
C GLN B 70 11.21 31.63 -9.01
N GLN B 71 10.98 31.36 -7.74
CA GLN B 71 11.38 32.24 -6.65
C GLN B 71 12.76 31.95 -6.11
N LEU B 72 13.41 30.88 -6.58
CA LEU B 72 14.71 30.49 -6.05
C LEU B 72 15.83 30.88 -7.00
N ASP B 73 16.92 31.36 -6.43
CA ASP B 73 18.02 31.89 -7.23
C ASP B 73 19.30 31.56 -6.46
N ASN B 74 19.89 30.39 -6.78
CA ASN B 74 21.06 29.93 -6.02
C ASN B 74 21.85 28.95 -6.87
N PRO B 75 23.18 28.95 -6.83
CA PRO B 75 23.94 28.06 -7.71
C PRO B 75 23.74 26.58 -7.42
N TYR B 76 23.22 26.23 -6.26
CA TYR B 76 23.10 24.81 -5.90
C TYR B 76 21.67 24.33 -5.97
N ILE B 77 20.83 25.06 -6.72
CA ILE B 77 19.44 24.69 -6.94
C ILE B 77 19.16 24.68 -8.43
N VAL B 78 18.41 23.68 -8.89
CA VAL B 78 18.10 23.65 -10.33
C VAL B 78 17.28 24.88 -10.74
N ARG B 79 17.66 25.50 -11.86
CA ARG B 79 16.99 26.69 -12.39
C ARG B 79 15.86 26.27 -13.33
N MET B 80 14.68 26.83 -13.12
CA MET B 80 13.61 26.68 -14.08
C MET B 80 13.75 27.70 -15.20
N ILE B 81 13.49 27.26 -16.42
CA ILE B 81 13.33 28.21 -17.54
C ILE B 81 11.90 28.69 -17.66
N GLY B 82 10.94 27.76 -17.60
CA GLY B 82 9.57 28.16 -17.57
C GLY B 82 8.66 26.96 -17.72
N ILE B 83 7.37 27.24 -17.88
CA ILE B 83 6.37 26.22 -18.16
C ILE B 83 5.91 26.37 -19.60
N CYS B 84 5.49 25.26 -20.18
CA CYS B 84 4.96 25.29 -21.54
C CYS B 84 3.72 24.42 -21.52
N GLU B 85 2.61 24.95 -22.04
CA GLU B 85 1.36 24.23 -22.12
C GLU B 85 1.15 23.84 -23.57
N ALA B 86 1.43 22.60 -23.88
CA ALA B 86 1.36 22.22 -25.29
C ALA B 86 0.70 20.88 -25.39
N GLU B 87 1.32 19.94 -26.10
CA GLU B 87 0.65 18.65 -26.25
C GLU B 87 0.40 18.04 -24.88
N SER B 88 1.27 18.31 -23.90
CA SER B 88 1.01 18.07 -22.48
C SER B 88 1.58 19.26 -21.71
N TRP B 89 1.37 19.30 -20.39
CA TRP B 89 1.97 20.32 -19.52
C TRP B 89 3.42 19.97 -19.26
N MET B 90 4.29 20.98 -19.36
CA MET B 90 5.73 20.77 -19.29
C MET B 90 6.40 21.81 -18.40
N LEU B 91 7.33 21.32 -17.55
CA LEU B 91 8.20 22.16 -16.74
C LEU B 91 9.61 22.04 -17.34
N VAL B 92 10.11 23.16 -17.86
CA VAL B 92 11.40 23.19 -18.57
C VAL B 92 12.47 23.76 -17.64
N MET B 93 13.54 22.99 -17.45
CA MET B 93 14.59 23.32 -16.48
C MET B 93 15.95 23.27 -17.17
N GLU B 94 16.94 23.97 -16.59
CA GLU B 94 18.32 23.80 -17.09
C GLU B 94 18.73 22.34 -16.86
N MET B 95 19.44 21.76 -17.83
CA MET B 95 19.82 20.34 -17.75
C MET B 95 21.04 20.14 -16.82
N ALA B 96 20.90 19.23 -15.88
CA ALA B 96 22.04 18.68 -15.11
C ALA B 96 22.40 17.36 -15.80
N GLU B 97 23.50 17.36 -16.59
CA GLU B 97 23.75 16.27 -17.53
C GLU B 97 24.05 14.93 -16.90
N LEU B 98 24.58 14.92 -15.67
CA LEU B 98 24.94 13.61 -15.10
C LEU B 98 23.83 12.94 -14.32
N GLY B 99 22.69 13.62 -14.11
CA GLY B 99 21.51 12.94 -13.59
C GLY B 99 21.54 12.80 -12.08
N PRO B 100 20.63 11.99 -11.56
CA PRO B 100 20.49 11.83 -10.10
C PRO B 100 21.73 11.26 -9.44
N LEU B 101 22.05 11.84 -8.28
CA LEU B 101 23.23 11.49 -7.51
C LEU B 101 23.26 10.02 -7.09
N ASN B 102 22.14 9.47 -6.63
CA ASN B 102 22.19 8.09 -6.16
C ASN B 102 22.56 7.15 -7.29
N LYS B 103 21.96 7.32 -8.46
CA LYS B 103 22.29 6.47 -9.61
C LYS B 103 23.72 6.69 -10.06
N TYR B 104 24.20 7.94 -10.05
CA TYR B 104 25.57 8.21 -10.47
C TYR B 104 26.55 7.50 -9.55
N LEU B 105 26.30 7.53 -8.24
CA LEU B 105 27.25 6.90 -7.33
C LEU B 105 27.14 5.37 -7.42
N GLN B 106 25.95 4.83 -7.66
CA GLN B 106 25.84 3.39 -7.92
C GLN B 106 26.70 2.96 -9.10
N GLN B 107 26.77 3.79 -10.14
CA GLN B 107 27.50 3.47 -11.37
C GLN B 107 28.97 3.85 -11.30
N ASN B 108 29.42 4.53 -10.23
CA ASN B 108 30.75 5.16 -10.14
C ASN B 108 31.23 4.96 -8.71
N ARG B 109 31.44 3.69 -8.38
CA ARG B 109 31.71 3.29 -7.01
C ARG B 109 33.08 3.72 -6.51
N HIS B 110 33.95 4.25 -7.36
CA HIS B 110 35.27 4.68 -6.94
C HIS B 110 35.41 6.20 -6.80
N VAL B 111 34.31 6.96 -6.85
CA VAL B 111 34.33 8.37 -6.51
C VAL B 111 34.96 8.49 -5.14
N LYS B 112 35.82 9.49 -4.97
CA LYS B 112 36.61 9.51 -3.75
C LYS B 112 35.82 10.12 -2.60
N ASP B 113 36.17 9.72 -1.37
CA ASP B 113 35.49 10.31 -0.23
C ASP B 113 35.51 11.85 -0.23
N LYS B 114 36.63 12.47 -0.57
CA LYS B 114 36.68 13.92 -0.56
C LYS B 114 35.65 14.51 -1.53
N ASN B 115 35.44 13.83 -2.67
CA ASN B 115 34.47 14.25 -3.67
C ASN B 115 33.05 14.15 -3.11
N ILE B 116 32.77 13.10 -2.36
CA ILE B 116 31.44 12.97 -1.73
C ILE B 116 31.23 14.12 -0.75
N ILE B 117 32.24 14.44 0.07
CA ILE B 117 32.12 15.56 0.98
C ILE B 117 31.83 16.85 0.23
N GLU B 118 32.59 17.11 -0.85
CA GLU B 118 32.34 18.29 -1.69
C GLU B 118 30.87 18.40 -2.12
N LEU B 119 30.31 17.31 -2.65
CA LEU B 119 28.95 17.33 -3.17
C LEU B 119 27.93 17.53 -2.03
N VAL B 120 28.08 16.81 -0.89
CA VAL B 120 27.09 17.01 0.16
C VAL B 120 27.21 18.40 0.78
N HIS B 121 28.44 18.97 0.79
CA HIS B 121 28.55 20.34 1.23
C HIS B 121 27.79 21.27 0.29
N GLN B 122 27.92 21.06 -1.01
CA GLN B 122 27.14 21.88 -1.98
C GLN B 122 25.64 21.77 -1.69
N VAL B 123 25.15 20.57 -1.44
CA VAL B 123 23.74 20.44 -1.09
C VAL B 123 23.42 21.25 0.17
N SER B 124 24.30 21.23 1.16
CA SER B 124 24.07 21.99 2.39
C SER B 124 24.10 23.51 2.14
N MET B 125 24.87 23.98 1.12
CA MET B 125 24.79 25.40 0.76
C MET B 125 23.45 25.73 0.11
N GLY B 126 22.99 24.88 -0.79
CA GLY B 126 21.67 25.11 -1.36
C GLY B 126 20.57 25.08 -0.30
N MET B 127 20.68 24.17 0.67
CA MET B 127 19.66 24.13 1.73
C MET B 127 19.75 25.30 2.69
N LYS B 128 20.96 25.79 2.97
CA LYS B 128 21.11 27.00 3.79
C LYS B 128 20.37 28.17 3.15
N TYR B 129 20.51 28.31 1.84
CA TYR B 129 19.73 29.29 1.08
C TYR B 129 18.23 29.04 1.13
N LEU B 130 17.80 27.79 0.92
CA LEU B 130 16.37 27.51 1.01
C LEU B 130 15.82 27.87 2.39
N GLU B 131 16.57 27.54 3.47
CA GLU B 131 16.17 27.89 4.82
C GLU B 131 16.06 29.40 5.00
N GLU B 132 17.08 30.15 4.55
CA GLU B 132 17.05 31.61 4.61
C GLU B 132 15.86 32.16 3.86
N SER B 133 15.43 31.49 2.80
CA SER B 133 14.30 31.92 1.98
C SER B 133 12.97 31.45 2.54
N ASN B 134 12.97 30.70 3.65
CA ASN B 134 11.76 30.24 4.31
C ASN B 134 10.91 29.35 3.39
N PHE B 135 11.59 28.44 2.67
CA PHE B 135 10.92 27.36 1.97
C PHE B 135 11.32 26.05 2.63
N VAL B 136 10.40 25.11 2.71
CA VAL B 136 10.75 23.74 3.12
C VAL B 136 10.69 22.85 1.90
N HIS B 137 11.71 22.00 1.73
CA HIS B 137 11.79 21.18 0.52
C HIS B 137 10.81 20.02 0.60
N ARG B 138 10.84 19.25 1.69
CA ARG B 138 9.95 18.12 1.98
C ARG B 138 10.19 16.89 1.13
N ASP B 139 11.28 16.82 0.35
CA ASP B 139 11.60 15.56 -0.33
C ASP B 139 13.11 15.51 -0.55
N LEU B 140 13.90 15.84 0.46
CA LEU B 140 15.37 15.97 0.28
C LEU B 140 15.99 14.59 0.41
N ALA B 141 16.36 14.01 -0.72
CA ALA B 141 16.86 12.65 -0.81
C ALA B 141 17.87 12.64 -1.93
N ALA B 142 18.76 11.66 -1.91
CA ALA B 142 19.82 11.66 -2.92
C ALA B 142 19.30 11.55 -4.34
N ARG B 143 18.13 10.94 -4.57
CA ARG B 143 17.59 10.92 -5.94
C ARG B 143 17.20 12.30 -6.43
N ASN B 144 17.06 13.28 -5.52
CA ASN B 144 16.62 14.64 -5.83
C ASN B 144 17.78 15.61 -5.81
N VAL B 145 18.99 15.08 -5.84
CA VAL B 145 20.19 15.86 -6.09
C VAL B 145 20.67 15.48 -7.47
N LEU B 146 20.85 16.46 -8.35
CA LEU B 146 21.26 16.19 -9.73
C LEU B 146 22.68 16.71 -9.95
N LEU B 147 23.48 15.99 -10.73
CA LEU B 147 24.86 16.43 -10.94
C LEU B 147 25.03 17.17 -12.27
N VAL B 148 25.62 18.36 -12.18
CA VAL B 148 26.02 19.13 -13.37
C VAL B 148 27.35 18.58 -13.88
N THR B 149 28.27 18.37 -12.95
CA THR B 149 29.52 17.66 -13.22
C THR B 149 29.77 16.73 -12.02
N GLN B 150 30.83 15.92 -12.08
CA GLN B 150 31.19 15.10 -10.93
C GLN B 150 31.51 15.93 -9.69
N HIS B 151 31.69 17.26 -9.84
CA HIS B 151 32.07 18.16 -8.76
C HIS B 151 31.08 19.29 -8.57
N TYR B 152 29.83 19.11 -9.05
CA TYR B 152 28.86 20.20 -8.91
C TYR B 152 27.45 19.60 -8.86
N ALA B 153 26.86 19.66 -7.65
CA ALA B 153 25.52 19.15 -7.34
C ALA B 153 24.53 20.30 -7.22
N LYS B 154 23.27 20.03 -7.65
CA LYS B 154 22.12 20.93 -7.54
C LYS B 154 20.95 20.16 -6.94
N ILE B 155 20.16 20.82 -6.13
CA ILE B 155 18.92 20.25 -5.59
C ILE B 155 17.79 20.43 -6.59
N SER B 156 17.01 19.37 -6.78
CA SER B 156 15.90 19.39 -7.69
C SER B 156 14.63 19.04 -6.92
N ASP B 157 13.55 18.89 -7.68
CA ASP B 157 12.34 18.17 -7.26
C ASP B 157 11.62 18.89 -6.12
N PHE B 158 10.98 20.00 -6.51
CA PHE B 158 10.28 20.88 -5.60
C PHE B 158 8.77 20.62 -5.59
N GLY B 159 8.35 19.43 -6.00
CA GLY B 159 6.92 19.09 -6.06
C GLY B 159 6.21 19.02 -4.72
N LEU B 160 6.92 18.74 -3.64
CA LEU B 160 6.32 18.78 -2.29
C LEU B 160 6.68 20.04 -1.48
N SER B 161 7.44 20.95 -2.09
CA SER B 161 7.96 22.08 -1.36
C SER B 161 6.87 23.08 -1.04
N LYS B 162 7.05 23.78 0.07
CA LYS B 162 6.09 24.78 0.52
C LYS B 162 6.79 26.08 0.88
N ALA B 163 6.16 27.21 0.55
CA ALA B 163 6.57 28.51 1.05
C ALA B 163 5.98 28.71 2.45
N LEU B 164 6.81 28.90 3.44
CA LEU B 164 6.24 29.01 4.78
C LEU B 164 5.48 30.33 4.91
N ARG B 165 4.41 30.28 5.69
CA ARG B 165 3.68 31.49 6.07
C ARG B 165 4.56 32.45 6.82
N ALA B 166 4.24 33.73 6.71
CA ALA B 166 5.07 34.75 7.35
C ALA B 166 5.05 34.61 8.87
N ASP B 167 4.01 34.00 9.43
CA ASP B 167 3.86 33.92 10.87
C ASP B 167 4.18 32.55 11.43
N GLU B 168 4.74 31.64 10.64
CA GLU B 168 4.96 30.28 11.13
C GLU B 168 6.30 29.78 10.67
N ASN B 169 6.89 28.94 11.48
CA ASN B 169 8.16 28.35 11.12
C ASN B 169 8.04 26.95 10.58
N TYR B 170 6.83 26.47 10.36
CA TYR B 170 6.60 25.15 9.80
C TYR B 170 5.38 25.20 8.91
N TYR B 171 5.28 24.18 8.06
CA TYR B 171 4.09 23.86 7.27
C TYR B 171 3.38 22.66 7.90
N LYS B 172 2.08 22.79 8.14
CA LYS B 172 1.27 21.71 8.69
C LYS B 172 0.51 21.02 7.57
N ALA B 173 0.80 19.74 7.37
CA ALA B 173 0.10 18.97 6.35
C ALA B 173 -1.26 18.52 6.87
N GLN B 174 -2.17 18.26 5.92
CA GLN B 174 -3.49 17.70 6.24
C GLN B 174 -3.65 16.34 5.55
N LYS B 178 1.13 9.44 -0.57
CA LYS B 178 2.38 8.71 -0.41
C LYS B 178 3.50 9.66 0.03
N TRP B 179 4.08 9.42 1.20
CA TRP B 179 5.18 10.24 1.69
C TRP B 179 6.49 9.47 1.66
N PRO B 180 7.63 10.14 1.47
CA PRO B 180 8.95 9.46 1.55
C PRO B 180 9.40 9.29 3.01
N VAL B 181 8.69 8.43 3.73
CA VAL B 181 8.82 8.41 5.19
C VAL B 181 10.21 8.01 5.69
N LYS B 182 10.98 7.26 4.90
CA LYS B 182 12.34 6.94 5.35
C LYS B 182 13.21 8.17 5.40
N TRP B 183 12.76 9.28 4.83
CA TRP B 183 13.53 10.50 4.89
C TRP B 183 12.96 11.51 5.89
N TYR B 184 11.85 11.18 6.54
CA TYR B 184 11.14 12.18 7.33
C TYR B 184 11.46 12.12 8.82
N ALA B 185 11.53 13.30 9.43
CA ALA B 185 11.81 13.42 10.83
C ALA B 185 10.60 12.96 11.66
N PRO B 186 10.84 12.64 12.93
CA PRO B 186 9.72 12.16 13.78
C PRO B 186 8.58 13.15 13.88
N GLU B 187 8.85 14.45 13.94
CA GLU B 187 7.75 15.42 14.04
C GLU B 187 6.92 15.45 12.78
N CYS B 188 7.50 15.09 11.64
CA CYS B 188 6.72 15.01 10.42
C CYS B 188 5.72 13.87 10.50
N ILE B 189 6.17 12.71 10.98
CA ILE B 189 5.34 11.54 11.09
C ILE B 189 4.29 11.71 12.19
N ASN B 190 4.67 12.29 13.31
CA ASN B 190 3.81 12.30 14.50
C ASN B 190 2.94 13.53 14.60
N TYR B 191 3.31 14.64 14.00
CA TYR B 191 2.55 15.88 14.13
C TYR B 191 2.24 16.51 12.77
N TYR B 192 2.77 15.93 11.69
CA TYR B 192 2.58 16.48 10.32
C TYR B 192 3.16 17.88 10.19
N LYS B 193 4.24 18.21 10.91
CA LYS B 193 4.83 19.54 10.94
C LYS B 193 6.17 19.48 10.21
N PHE B 194 6.32 20.31 9.18
CA PHE B 194 7.49 20.31 8.32
C PHE B 194 8.18 21.65 8.38
N SER B 195 9.43 21.68 8.82
CA SER B 195 10.21 22.89 9.03
C SER B 195 11.54 22.71 8.33
N SER B 196 12.36 23.77 8.27
CA SER B 196 13.72 23.58 7.77
C SER B 196 14.49 22.55 8.60
N LYS B 197 14.25 22.52 9.93
CA LYS B 197 14.85 21.47 10.78
C LYS B 197 14.42 20.07 10.31
N SER B 198 13.16 19.89 9.87
CA SER B 198 12.79 18.58 9.31
C SER B 198 13.63 18.28 8.07
N ASP B 199 13.84 19.27 7.21
CA ASP B 199 14.73 19.05 6.07
C ASP B 199 16.14 18.68 6.53
N VAL B 200 16.62 19.21 7.69
CA VAL B 200 17.94 18.81 8.19
C VAL B 200 17.97 17.30 8.47
N TRP B 201 16.92 16.76 9.07
CA TRP B 201 16.85 15.32 9.30
C TRP B 201 17.00 14.57 7.97
N SER B 202 16.22 14.98 6.95
CA SER B 202 16.32 14.35 5.63
C SER B 202 17.72 14.46 5.07
N PHE B 203 18.37 15.61 5.29
CA PHE B 203 19.73 15.80 4.83
C PHE B 203 20.69 14.76 5.46
N GLY B 204 20.45 14.41 6.71
CA GLY B 204 21.25 13.34 7.30
C GLY B 204 21.08 12.01 6.57
N VAL B 205 19.84 11.70 6.18
CA VAL B 205 19.62 10.48 5.41
C VAL B 205 20.31 10.59 4.05
N LEU B 206 20.20 11.75 3.40
CA LEU B 206 20.90 12.00 2.14
C LEU B 206 22.40 11.77 2.30
N MET B 207 22.98 12.33 3.36
CA MET B 207 24.41 12.09 3.62
C MET B 207 24.69 10.59 3.70
N TRP B 208 23.89 9.87 4.50
CA TRP B 208 24.11 8.42 4.60
C TRP B 208 24.06 7.78 3.21
N GLU B 209 23.07 8.17 2.39
CA GLU B 209 22.97 7.61 1.06
C GLU B 209 24.21 7.90 0.22
N ALA B 210 24.69 9.15 0.27
CA ALA B 210 25.84 9.53 -0.53
C ALA B 210 27.10 8.77 -0.12
N PHE B 211 27.35 8.70 1.18
CA PHE B 211 28.54 7.97 1.65
C PHE B 211 28.39 6.46 1.47
N SER B 212 27.17 5.96 1.22
CA SER B 212 26.89 4.58 0.87
C SER B 212 26.80 4.36 -0.65
N TYR B 213 27.24 5.33 -1.45
CA TYR B 213 27.25 5.20 -2.92
C TYR B 213 25.89 4.85 -3.48
N GLY B 214 24.87 5.49 -2.93
CA GLY B 214 23.55 5.33 -3.48
C GLY B 214 22.75 4.14 -3.03
N GLN B 215 23.18 3.46 -1.98
CA GLN B 215 22.34 2.43 -1.37
C GLN B 215 21.09 3.07 -0.81
N LYS B 216 19.99 2.32 -0.82
CA LYS B 216 18.75 2.79 -0.19
C LYS B 216 18.90 2.77 1.33
N PRO B 217 18.38 3.77 2.03
CA PRO B 217 18.43 3.74 3.50
C PRO B 217 17.43 2.74 4.07
N TYR B 218 17.71 2.28 5.29
CA TYR B 218 16.81 1.38 6.04
C TYR B 218 16.43 0.19 5.16
N ARG B 219 17.45 -0.41 4.56
CA ARG B 219 17.23 -1.50 3.61
C ARG B 219 16.43 -2.63 4.24
N GLY B 220 15.45 -3.12 3.49
CA GLY B 220 14.66 -4.26 3.92
C GLY B 220 13.57 -3.96 4.91
N MET B 221 13.38 -2.69 5.28
CA MET B 221 12.52 -2.33 6.39
C MET B 221 11.25 -1.63 5.91
N LYS B 222 10.14 -1.94 6.57
CA LYS B 222 8.92 -1.21 6.33
C LYS B 222 8.96 0.13 7.06
N GLY B 223 8.14 1.06 6.58
CA GLY B 223 8.03 2.34 7.25
C GLY B 223 7.76 2.21 8.74
N SER B 224 6.85 1.31 9.14
CA SER B 224 6.55 1.19 10.56
C SER B 224 7.75 0.65 11.31
N GLU B 225 8.59 -0.14 10.64
CA GLU B 225 9.75 -0.69 11.28
C GLU B 225 10.81 0.41 11.46
N VAL B 226 10.86 1.35 10.50
CA VAL B 226 11.76 2.50 10.64
C VAL B 226 11.34 3.35 11.83
N THR B 227 10.03 3.67 11.93
CA THR B 227 9.53 4.40 13.08
C THR B 227 9.88 3.72 14.38
N ALA B 228 9.70 2.40 14.45
CA ALA B 228 10.02 1.69 15.68
C ALA B 228 11.51 1.73 15.99
N MET B 229 12.37 1.59 14.97
CA MET B 229 13.80 1.66 15.19
C MET B 229 14.20 3.03 15.75
N LEU B 230 13.70 4.08 15.13
CA LEU B 230 14.10 5.43 15.55
C LEU B 230 13.56 5.73 16.93
N GLU B 231 12.38 5.17 17.27
CA GLU B 231 11.81 5.44 18.57
C GLU B 231 12.57 4.75 19.68
N LYS B 232 13.24 3.63 19.38
CA LYS B 232 14.18 2.94 20.25
C LYS B 232 15.50 3.71 20.42
N GLY B 233 15.68 4.82 19.70
CA GLY B 233 16.93 5.53 19.75
C GLY B 233 17.98 5.01 18.79
N GLU B 234 17.63 4.08 17.93
CA GLU B 234 18.64 3.46 17.06
C GLU B 234 18.74 4.27 15.77
N ARG B 235 19.92 4.23 15.18
CA ARG B 235 20.21 4.94 13.92
C ARG B 235 21.03 4.03 13.02
N MET B 236 20.94 4.29 11.73
CA MET B 236 21.76 3.53 10.79
C MET B 236 23.24 3.59 11.15
N GLY B 237 23.94 2.50 10.83
CA GLY B 237 25.37 2.43 11.05
C GLY B 237 26.19 3.31 10.10
N CYS B 238 27.47 3.43 10.43
CA CYS B 238 28.38 4.25 9.62
C CYS B 238 28.76 3.55 8.32
N PRO B 239 28.56 4.19 7.14
CA PRO B 239 28.90 3.52 5.85
C PRO B 239 30.37 3.17 5.81
N ALA B 240 30.69 2.11 5.07
CA ALA B 240 32.10 1.78 4.84
C ALA B 240 32.84 2.97 4.26
N GLY B 241 33.99 3.30 4.87
CA GLY B 241 34.83 4.38 4.39
C GLY B 241 34.39 5.78 4.78
N CYS B 242 33.29 5.93 5.54
CA CYS B 242 32.81 7.25 5.87
C CYS B 242 33.59 7.79 7.06
N PRO B 243 34.13 9.00 6.99
CA PRO B 243 34.86 9.56 8.13
C PRO B 243 34.01 9.68 9.37
N ARG B 244 34.63 9.45 10.53
CA ARG B 244 33.90 9.60 11.78
C ARG B 244 33.20 10.95 11.91
N GLU B 245 33.86 12.02 11.49
CA GLU B 245 33.29 13.36 11.63
C GLU B 245 32.00 13.49 10.82
N MET B 246 31.96 12.84 9.67
CA MET B 246 30.76 12.88 8.84
C MET B 246 29.64 12.01 9.42
N TYR B 247 29.99 10.90 10.05
CA TYR B 247 28.96 10.11 10.71
C TYR B 247 28.44 10.83 11.92
N ASP B 248 29.32 11.54 12.63
CA ASP B 248 28.89 12.35 13.74
C ASP B 248 27.89 13.40 13.28
N LEU B 249 28.14 14.03 12.15
CA LEU B 249 27.23 15.04 11.60
C LEU B 249 25.90 14.42 11.18
N MET B 250 25.92 13.25 10.54
CA MET B 250 24.66 12.55 10.23
C MET B 250 23.87 12.37 11.50
N ASN B 251 24.55 11.95 12.57
CA ASN B 251 23.79 11.66 13.80
C ASN B 251 23.24 12.92 14.44
N LEU B 252 23.93 14.04 14.31
CA LEU B 252 23.41 15.32 14.81
C LEU B 252 22.18 15.74 14.00
N CYS B 253 22.20 15.48 12.67
CA CYS B 253 21.01 15.76 11.86
C CYS B 253 19.85 14.90 12.32
N TRP B 254 20.12 13.69 12.81
CA TRP B 254 19.07 12.78 13.31
C TRP B 254 18.82 12.96 14.80
N THR B 255 18.90 14.20 15.25
CA THR B 255 18.46 14.52 16.60
C THR B 255 16.93 14.43 16.68
N TYR B 256 16.40 13.65 17.61
CA TYR B 256 14.97 13.38 17.66
C TYR B 256 14.17 14.65 17.91
N ASP B 257 14.59 15.42 18.91
CA ASP B 257 13.84 16.63 19.29
C ASP B 257 14.18 17.80 18.36
N VAL B 258 13.17 18.26 17.63
CA VAL B 258 13.40 19.28 16.59
C VAL B 258 14.02 20.53 17.18
N GLU B 259 13.63 20.91 18.41
CA GLU B 259 14.25 22.10 18.98
C GLU B 259 15.74 21.97 19.23
N ASN B 260 16.26 20.75 19.40
CA ASN B 260 17.67 20.56 19.66
C ASN B 260 18.46 20.15 18.41
N ARG B 261 17.79 20.04 17.31
CA ARG B 261 18.46 19.68 16.05
C ARG B 261 19.07 20.95 15.44
N PRO B 262 20.23 20.88 14.81
CA PRO B 262 20.79 22.08 14.18
C PRO B 262 19.99 22.50 12.94
N GLY B 263 20.10 23.80 12.60
CA GLY B 263 19.66 24.30 11.32
C GLY B 263 20.78 24.20 10.29
N PHE B 264 20.43 24.55 9.05
CA PHE B 264 21.38 24.40 7.94
C PHE B 264 22.56 25.34 8.02
N ALA B 265 22.47 26.47 8.72
CA ALA B 265 23.68 27.29 8.86
C ALA B 265 24.74 26.56 9.65
N ALA B 266 24.34 25.91 10.75
CA ALA B 266 25.30 25.13 11.53
C ALA B 266 25.78 23.91 10.75
N VAL B 267 24.87 23.25 10.01
CA VAL B 267 25.28 22.05 9.27
C VAL B 267 26.27 22.41 8.16
N GLU B 268 25.96 23.43 7.38
CA GLU B 268 26.85 23.87 6.29
C GLU B 268 28.23 24.26 6.83
N LEU B 269 28.27 24.96 7.95
CA LEU B 269 29.55 25.38 8.52
C LEU B 269 30.39 24.19 8.93
N ARG B 270 29.75 23.17 9.53
CA ARG B 270 30.52 21.98 9.89
C ARG B 270 31.08 21.29 8.66
N LEU B 271 30.25 21.14 7.62
CA LEU B 271 30.73 20.51 6.39
C LEU B 271 31.82 21.34 5.73
N ARG B 272 31.65 22.68 5.75
CA ARG B 272 32.61 23.55 5.07
C ARG B 272 33.96 23.38 5.73
N ASN B 273 33.96 23.42 7.05
CA ASN B 273 35.22 23.34 7.78
C ASN B 273 35.87 21.99 7.59
N TYR B 274 35.08 20.91 7.61
CA TYR B 274 35.68 19.59 7.43
C TYR B 274 36.21 19.43 6.00
N TYR B 275 35.46 19.90 5.02
CA TYR B 275 35.92 19.79 3.63
C TYR B 275 37.26 20.49 3.44
N TYR B 276 37.39 21.72 3.96
CA TYR B 276 38.64 22.44 3.73
C TYR B 276 39.79 21.82 4.55
N ASP B 277 39.47 21.06 5.61
CA ASP B 277 40.50 20.28 6.32
C ASP B 277 41.02 19.15 5.45
N VAL B 278 40.13 18.38 4.85
CA VAL B 278 40.50 17.27 3.99
C VAL B 278 41.20 17.79 2.74
N VAL B 279 40.75 18.90 2.20
CA VAL B 279 41.41 19.53 1.05
C VAL B 279 42.85 19.89 1.39
N1 A1LV6 C . -16.41 -17.10 14.44
N3 A1LV6 C . -17.65 -18.81 15.59
C4 A1LV6 C . -17.58 -17.54 14.97
C5 A1LV6 C . -16.58 -19.73 15.85
C6 A1LV6 C . -15.31 -19.60 15.35
C7 A1LV6 C . -14.39 -20.57 15.68
C8 A1LV6 C . -14.83 -21.65 16.51
C10 A1LV6 C . -12.70 -22.12 16.10
C13 A1LV6 C . -12.10 -20.07 14.56
C15 A1LV6 C . -10.06 -20.45 12.99
C17 A1LV6 C . -14.08 -16.24 13.16
C20 A1LV6 C . -13.43 -13.16 11.23
C21 A1LV6 C . -11.76 -15.96 11.96
C22 A1LV6 C . -10.44 -16.87 10.36
C24 A1LV6 C . -11.81 -18.63 9.60
C26 A1LV6 C . -8.24 -18.96 10.40
C1 A1LV6 C . -16.46 -15.91 13.90
C11 A1LV6 C . -12.98 -20.93 15.43
C12 A1LV6 C . -13.85 -23.68 17.49
C14 A1LV6 C . -10.68 -20.61 14.37
C16 A1LV6 C . -9.66 -19.49 14.10
C18 A1LV6 C . -13.21 -15.51 12.37
C19 A1LV6 C . -13.89 -14.34 12.04
C2 A1LV6 C . -17.62 -15.14 13.78
C23 A1LV6 C . -10.44 -18.18 9.61
C25 A1LV6 C . -12.52 -17.91 10.77
C3 A1LV6 C . -18.76 -15.61 14.31
C9 A1LV6 C . -16.94 -20.79 16.65
N2 A1LV6 C . -18.75 -16.85 14.89
N4 A1LV6 C . -16.06 -21.79 16.98
N5 A1LV6 C . -13.79 -22.42 16.69
N6 A1LV6 C . -15.24 -15.52 13.26
N7 A1LV6 C . -15.15 -14.33 12.53
N8 A1LV6 C . -11.81 -16.63 10.83
O1 A1LV6 C . -12.53 -19.06 14.05
O2 A1LV6 C . -11.99 -20.08 9.66
O3 A1LV6 C . -9.64 -19.18 10.31
N1 A1LV6 D . 16.72 16.38 -14.41
N3 A1LV6 D . 18.79 15.92 -15.52
C4 A1LV6 D . 17.87 16.84 -14.96
C5 A1LV6 D . 18.63 14.52 -15.71
C6 A1LV6 D . 17.60 13.79 -15.20
C7 A1LV6 D . 17.61 12.43 -15.45
C8 A1LV6 D . 18.67 11.90 -16.28
C10 A1LV6 D . 17.43 10.14 -15.77
C13 A1LV6 D . 15.57 11.26 -14.32
C15 A1LV6 D . 14.57 9.54 -12.64
C17 A1LV6 D . 14.40 15.52 -13.12
C20 A1LV6 D . 11.80 17.46 -11.35
C21 A1LV6 D . 12.48 14.19 -11.91
C22 A1LV6 D . 12.09 12.72 -10.20
C24 A1LV6 D . 14.26 12.38 -9.40
C26 A1LV6 D . 11.89 9.80 -10.38
C1 A1LV6 D . 15.95 17.32 -13.91
C11 A1LV6 D . 16.82 11.24 -15.16
C12 A1LV6 D . 19.36 9.72 -17.13
C14 A1LV6 D . 14.95 9.87 -14.08
C16 A1LV6 D . 13.50 9.98 -13.63
C18 A1LV6 D . 13.22 15.50 -12.37
C19 A1LV6 D . 12.96 16.85 -12.13
C2 A1LV6 D . 16.22 18.68 -13.86
C23 A1LV6 D . 12.97 11.79 -9.42
C25 A1LV6 D . 14.32 13.34 -10.61
C3 A1LV6 D . 17.41 19.08 -14.42
C9 A1LV6 D . 19.64 13.95 -16.48
N2 A1LV6 D . 18.22 18.14 -14.92
N4 A1LV6 D . 19.67 12.60 -16.75
N5 A1LV6 D . 18.45 10.63 -16.36
N6 A1LV6 D . 14.78 16.80 -13.26
N7 A1LV6 D . 13.90 17.67 -12.64
N8 A1LV6 D . 12.93 13.80 -10.74
O1 A1LV6 D . 15.15 12.32 -13.90
O2 A1LV6 D . 15.35 11.43 -9.44
O3 A1LV6 D . 13.10 10.53 -10.15
#